data_5BNH
#
_entry.id   5BNH
#
_cell.length_a   48.469
_cell.length_b   50.117
_cell.length_c   102.763
_cell.angle_alpha   90.00
_cell.angle_beta   90.00
_cell.angle_gamma   90.00
#
_symmetry.space_group_name_H-M   'P 21 21 21'
#
loop_
_entity.id
_entity.type
_entity.pdbx_description
1 polymer "DNA (5'-D(*(GD)P*GP*TP*G)-3')"
2 polymer "DNA (5'-D(*(TD)P*TP*G)-3')"
3 polymer 'Helicase-like transcription factor'
4 non-polymer 'SODIUM ION'
5 non-polymer 'PHOSPHATE ION'
6 non-polymer 'ACETATE ION'
7 water water
#
loop_
_entity_poly.entity_id
_entity_poly.type
_entity_poly.pdbx_seq_one_letter_code
_entity_poly.pdbx_strand_id
1 'polydeoxyribonucleotide' (DG)(DT)(DG) B
2 'polydeoxyribonucleotide' (DT)(DT)(DG) C
3 'polypeptide(L)'
;GSVDSVLFGSLRGHVVGLRYYTGVVNNNEMVALQRDPNNPYDKNAIKVNNVNGNQVGHLKKELAGALAYIMDNKLAQIEG
VVPFGANNAFTMPLHMTFWGKEENRKAVSDQLKKHGFKLGPAP
;
A,D
#
loop_
_chem_comp.id
_chem_comp.type
_chem_comp.name
_chem_comp.formula
ACT non-polymer 'ACETATE ION' 'C2 H3 O2 -1'
DG DNA linking 2'-DEOXYGUANOSINE-5'-MONOPHOSPHATE 'C10 H14 N5 O7 P'
DT DNA linking THYMIDINE-5'-MONOPHOSPHATE 'C10 H15 N2 O8 P'
NA non-polymer 'SODIUM ION' 'Na 1'
PO4 non-polymer 'PHOSPHATE ION' 'O4 P -3'
#
# COMPACT_ATOMS: atom_id res chain seq x y z
N GLY C 1 5.79 -2.92 6.25
CA GLY C 1 6.99 -2.16 6.74
C GLY C 1 7.52 -2.68 8.06
N SER C 2 8.84 -2.80 8.18
CA SER C 2 9.40 -3.37 9.42
C SER C 2 9.20 -2.43 10.62
N VAL C 3 9.14 -2.98 11.83
CA VAL C 3 9.22 -2.16 13.06
C VAL C 3 10.68 -1.65 13.14
N ASP C 4 11.04 -0.61 13.90
CA ASP C 4 10.26 0.58 14.16
C ASP C 4 10.38 1.52 12.93
N SER C 5 9.80 1.16 11.80
CA SER C 5 9.47 2.18 10.80
C SER C 5 7.99 2.41 10.86
N VAL C 6 7.55 3.52 10.25
CA VAL C 6 6.15 3.88 10.22
C VAL C 6 5.84 4.25 8.75
N LEU C 7 4.55 4.19 8.40
CA LEU C 7 4.11 4.69 7.05
C LEU C 7 4.02 6.19 7.11
N PHE C 8 4.58 6.88 6.15
CA PHE C 8 4.46 8.35 6.08
C PHE C 8 3.28 8.82 5.22
N GLY C 9 2.96 8.02 4.21
CA GLY C 9 1.94 8.44 3.27
C GLY C 9 2.20 7.93 1.87
N SER C 10 1.42 8.47 0.95
CA SER C 10 1.41 8.04 -0.46
C SER C 10 1.63 9.22 -1.36
N LEU C 11 2.11 8.95 -2.57
CA LEU C 11 2.19 9.96 -3.60
C LEU C 11 1.78 9.28 -4.89
N ARG C 12 1.05 9.99 -5.73
CA ARG C 12 0.69 9.52 -7.07
C ARG C 12 1.39 10.34 -8.11
N GLY C 13 2.03 9.65 -9.04
CA GLY C 13 2.65 10.33 -10.16
C GLY C 13 2.60 9.46 -11.40
N HIS C 14 3.54 9.74 -12.29
CA HIS C 14 3.66 8.95 -13.54
C HIS C 14 5.14 8.57 -13.84
N VAL C 15 5.28 7.42 -14.48
CA VAL C 15 6.51 7.08 -15.14
C VAL C 15 6.41 7.65 -16.54
N VAL C 16 7.50 8.28 -16.99
CA VAL C 16 7.55 8.95 -18.28
C VAL C 16 8.71 8.38 -19.09
N GLY C 17 8.75 8.74 -20.37
CA GLY C 17 9.88 8.30 -21.20
C GLY C 17 9.75 6.86 -21.66
N LEU C 18 8.54 6.27 -21.66
CA LEU C 18 8.39 4.87 -21.96
C LEU C 18 8.82 4.56 -23.37
N ARG C 19 8.71 5.53 -24.30
CA ARG C 19 8.96 5.17 -25.70
C ARG C 19 10.47 4.89 -25.94
N TYR C 20 11.29 5.29 -24.98
CA TYR C 20 12.72 5.23 -25.13
C TYR C 20 13.30 3.92 -24.63
N TYR C 21 12.53 3.11 -23.89
CA TYR C 21 13.09 1.97 -23.13
C TYR C 21 12.39 0.65 -23.40
N THR C 22 13.08 -0.50 -23.19
CA THR C 22 12.54 -1.82 -23.56
C THR C 22 11.75 -2.48 -22.40
N GLY C 23 11.96 -2.04 -21.18
CA GLY C 23 11.35 -2.74 -20.07
C GLY C 23 9.82 -2.66 -20.06
N VAL C 24 9.18 -3.79 -19.83
CA VAL C 24 7.72 -3.89 -19.74
C VAL C 24 7.36 -4.12 -18.26
N VAL C 25 6.20 -3.54 -17.85
CA VAL C 25 5.65 -3.75 -16.55
C VAL C 25 4.28 -4.37 -16.73
N ASN C 26 3.90 -5.26 -15.83
CA ASN C 26 2.49 -5.71 -15.77
C ASN C 26 1.56 -4.84 -14.95
N ASN C 27 0.28 -4.80 -15.35
CA ASN C 27 -0.65 -4.05 -14.53
C ASN C 27 -0.60 -4.59 -13.16
N ASN C 28 -0.74 -3.68 -12.25
CA ASN C 28 -0.81 -4.00 -10.86
C ASN C 28 0.37 -4.70 -10.27
N GLU C 29 1.60 -4.21 -10.55
CA GLU C 29 2.85 -4.84 -10.29
C GLU C 29 3.90 -3.86 -9.67
N MET C 30 4.76 -4.36 -8.79
CA MET C 30 5.86 -3.57 -8.24
C MET C 30 6.87 -3.16 -9.29
N VAL C 31 7.45 -1.97 -9.07
CA VAL C 31 8.61 -1.50 -9.84
C VAL C 31 9.72 -1.05 -8.92
N ALA C 32 10.93 -0.81 -9.43
CA ALA C 32 12.08 -0.45 -8.60
C ALA C 32 12.40 1.00 -8.96
N LEU C 33 12.61 1.85 -7.97
CA LEU C 33 13.11 3.24 -8.21
C LEU C 33 14.61 3.25 -7.96
N GLN C 34 15.38 3.66 -8.96
CA GLN C 34 16.84 3.64 -8.85
C GLN C 34 17.43 5.00 -9.20
N ARG C 35 18.10 5.64 -8.26
CA ARG C 35 18.80 6.90 -8.56
C ARG C 35 19.83 6.74 -9.68
N ASP C 36 19.91 7.76 -10.53
CA ASP C 36 20.82 7.79 -11.72
C ASP C 36 21.60 9.09 -11.60
N PRO C 37 22.48 9.22 -10.59
CA PRO C 37 23.10 10.54 -10.27
C PRO C 37 24.04 11.07 -11.35
N ASN C 38 24.48 10.16 -12.23
CA ASN C 38 25.35 10.56 -13.34
C ASN C 38 24.63 10.86 -14.63
N ASN C 39 23.30 10.88 -14.58
CA ASN C 39 22.51 11.20 -15.76
C ASN C 39 22.85 12.62 -16.17
N PRO C 40 23.36 12.82 -17.39
CA PRO C 40 23.80 14.18 -17.66
C PRO C 40 22.68 15.18 -17.89
N TYR C 41 21.46 14.71 -18.10
CA TYR C 41 20.35 15.65 -18.26
C TYR C 41 19.76 16.09 -16.96
N ASP C 42 20.03 15.39 -15.84
CA ASP C 42 19.37 15.67 -14.56
C ASP C 42 20.06 14.90 -13.47
N LYS C 43 20.81 15.58 -12.63
CA LYS C 43 21.52 14.87 -11.59
C LYS C 43 20.57 14.24 -10.60
N ASN C 44 19.34 14.74 -10.56
CA ASN C 44 18.29 14.22 -9.65
C ASN C 44 17.53 13.03 -10.25
N ALA C 45 17.91 12.57 -11.42
CA ALA C 45 17.15 11.53 -12.13
C ALA C 45 16.92 10.28 -11.29
N ILE C 46 15.73 9.72 -11.45
CA ILE C 46 15.33 8.44 -10.86
C ILE C 46 14.79 7.55 -11.96
N LYS C 47 15.52 6.51 -12.27
CA LYS C 47 15.05 5.45 -13.16
C LYS C 47 13.94 4.67 -12.51
N VAL C 48 13.05 4.16 -13.37
CA VAL C 48 12.06 3.16 -12.95
C VAL C 48 12.36 1.88 -13.71
N ASN C 49 12.65 0.83 -12.95
CA ASN C 49 12.95 -0.47 -13.53
C ASN C 49 11.82 -1.47 -13.17
N ASN C 50 11.66 -2.47 -14.05
CA ASN C 50 10.76 -3.58 -13.75
C ASN C 50 11.41 -4.61 -12.81
N VAL C 51 10.66 -5.64 -12.44
CA VAL C 51 11.20 -6.56 -11.50
C VAL C 51 12.45 -7.34 -11.97
N ASN C 52 12.77 -7.33 -13.26
CA ASN C 52 13.99 -7.98 -13.77
C ASN C 52 15.18 -6.99 -13.79
N GLY C 53 14.92 -5.75 -13.40
CA GLY C 53 15.98 -4.75 -13.47
C GLY C 53 16.07 -4.02 -14.78
N ASN C 54 15.18 -4.28 -15.72
CA ASN C 54 15.22 -3.58 -16.96
C ASN C 54 14.56 -2.23 -16.84
N GLN C 55 15.15 -1.21 -17.44
CA GLN C 55 14.58 0.10 -17.30
C GLN C 55 13.32 0.26 -18.11
N VAL C 56 12.33 0.88 -17.48
CA VAL C 56 11.03 1.12 -18.06
C VAL C 56 10.87 2.61 -18.49
N GLY C 57 11.45 3.50 -17.71
CA GLY C 57 11.44 4.93 -17.96
C GLY C 57 12.05 5.66 -16.81
N HIS C 58 11.55 6.84 -16.53
CA HIS C 58 12.04 7.66 -15.44
C HIS C 58 10.86 8.26 -14.68
N LEU C 59 11.08 8.64 -13.41
CA LEU C 59 10.09 9.48 -12.79
C LEU C 59 10.10 10.84 -13.47
N LYS C 60 8.93 11.43 -13.58
CA LYS C 60 8.84 12.74 -14.11
C LYS C 60 9.77 13.70 -13.38
N LYS C 61 10.41 14.56 -14.14
CA LYS C 61 11.55 15.39 -13.67
C LYS C 61 11.20 16.22 -12.39
N GLU C 62 10.00 16.73 -12.37
CA GLU C 62 9.56 17.51 -11.23
C GLU C 62 9.44 16.70 -9.93
N LEU C 63 8.99 15.47 -10.05
CA LEU C 63 8.95 14.59 -8.95
C LEU C 63 10.34 14.12 -8.53
N ALA C 64 11.16 13.76 -9.48
CA ALA C 64 12.55 13.42 -9.13
C ALA C 64 13.31 14.51 -8.40
N GLY C 65 13.04 15.75 -8.78
CA GLY C 65 13.64 16.85 -8.11
C GLY C 65 13.31 16.92 -6.66
N ALA C 66 12.10 16.51 -6.30
CA ALA C 66 11.73 16.43 -4.89
C ALA C 66 12.28 15.19 -4.20
N LEU C 67 12.23 14.04 -4.88
CA LEU C 67 12.56 12.79 -4.21
C LEU C 67 14.05 12.46 -4.14
N ALA C 68 14.89 13.01 -5.00
CA ALA C 68 16.28 12.56 -5.03
C ALA C 68 16.97 12.80 -3.67
N TYR C 69 16.70 13.95 -3.06
CA TYR C 69 17.28 14.26 -1.78
C TYR C 69 16.82 13.25 -0.71
N ILE C 70 15.56 12.90 -0.77
CA ILE C 70 14.99 11.95 0.17
C ILE C 70 15.70 10.58 0.05
N MET C 71 15.89 10.10 -1.19
CA MET C 71 16.59 8.86 -1.41
C MET C 71 18.07 8.93 -1.03
N ASP C 72 18.72 10.00 -1.44
CA ASP C 72 20.24 10.14 -1.27
C ASP C 72 20.57 10.19 0.22
N ASN C 73 19.67 10.77 1.02
CA ASN C 73 19.87 10.95 2.44
C ASN C 73 19.16 9.87 3.27
N LYS C 74 18.56 8.90 2.60
CA LYS C 74 17.94 7.77 3.24
C LYS C 74 16.87 8.22 4.20
N LEU C 75 16.14 9.25 3.84
CA LEU C 75 15.09 9.74 4.72
C LEU C 75 13.80 8.90 4.67
N ALA C 76 13.54 8.19 3.59
CA ALA C 76 12.40 7.32 3.52
C ALA C 76 12.75 6.23 2.49
N GLN C 77 12.11 5.08 2.66
CA GLN C 77 12.01 4.06 1.64
C GLN C 77 10.77 4.38 0.84
N ILE C 78 10.89 4.23 -0.46
CA ILE C 78 9.79 4.55 -1.34
C ILE C 78 9.50 3.36 -2.21
N GLU C 79 8.30 2.83 -2.10
CA GLU C 79 7.91 1.63 -2.88
C GLU C 79 6.95 2.01 -3.95
N GLY C 80 7.19 1.49 -5.16
CA GLY C 80 6.39 1.88 -6.31
C GLY C 80 5.56 0.72 -6.79
N VAL C 81 4.29 0.97 -7.15
CA VAL C 81 3.47 -0.01 -7.86
C VAL C 81 2.82 0.66 -9.00
N VAL C 82 2.71 -0.01 -10.17
CA VAL C 82 1.94 0.50 -11.27
C VAL C 82 0.55 -0.11 -11.16
N PRO C 83 -0.46 0.72 -10.82
CA PRO C 83 -1.76 0.20 -10.47
C PRO C 83 -2.60 -0.20 -11.68
N PHE C 84 -2.41 0.49 -12.77
CA PHE C 84 -3.08 0.27 -14.04
C PHE C 84 -2.39 1.08 -15.10
N GLY C 85 -2.77 0.91 -16.37
CA GLY C 85 -2.18 1.69 -17.47
C GLY C 85 -0.79 1.21 -17.86
N ALA C 86 -0.47 -0.03 -17.46
CA ALA C 86 0.85 -0.56 -17.75
C ALA C 86 1.12 -0.75 -19.24
N ASN C 87 0.06 -0.82 -20.05
CA ASN C 87 0.14 -0.89 -21.50
C ASN C 87 0.17 0.47 -22.21
N ASN C 88 0.32 1.57 -21.46
CA ASN C 88 0.28 2.91 -22.05
C ASN C 88 1.55 3.10 -22.85
N ALA C 89 1.49 3.89 -23.91
CA ALA C 89 2.65 4.00 -24.85
C ALA C 89 3.69 5.02 -24.33
N PHE C 90 3.21 6.04 -23.66
CA PHE C 90 4.05 7.21 -23.32
C PHE C 90 4.32 7.43 -21.83
N THR C 91 3.24 7.37 -21.03
CA THR C 91 3.29 7.62 -19.60
C THR C 91 2.38 6.60 -18.89
N MET C 92 2.71 6.32 -17.61
CA MET C 92 2.05 5.26 -16.89
C MET C 92 1.90 5.67 -15.44
N PRO C 93 0.70 5.50 -14.89
CA PRO C 93 0.48 5.73 -13.48
C PRO C 93 1.43 5.06 -12.56
N LEU C 94 1.80 5.72 -11.49
CA LEU C 94 2.62 5.13 -10.47
C LEU C 94 2.12 5.53 -9.09
N HIS C 95 1.94 4.53 -8.21
CA HIS C 95 1.64 4.78 -6.86
C HIS C 95 2.86 4.54 -5.99
N MET C 96 3.23 5.54 -5.21
CA MET C 96 4.40 5.42 -4.29
C MET C 96 4.00 5.39 -2.84
N THR C 97 4.49 4.43 -2.08
CA THR C 97 4.28 4.42 -0.67
C THR C 97 5.56 4.78 0.03
N PHE C 98 5.47 5.66 1.03
CA PHE C 98 6.65 6.16 1.74
C PHE C 98 6.61 5.61 3.15
N TRP C 99 7.76 5.04 3.57
CA TRP C 99 7.91 4.67 4.96
C TRP C 99 9.29 4.97 5.47
N GLY C 100 9.43 5.04 6.77
CA GLY C 100 10.74 5.38 7.36
C GLY C 100 10.69 5.46 8.87
N LYS C 101 11.74 6.02 9.42
CA LYS C 101 11.90 6.22 10.84
C LYS C 101 11.08 7.47 11.17
N GLU C 102 10.31 7.41 12.24
CA GLU C 102 9.40 8.47 12.58
C GLU C 102 10.19 9.82 12.73
N GLU C 103 11.48 9.76 13.10
CA GLU C 103 12.24 11.00 13.28
C GLU C 103 12.54 11.75 11.99
N ASN C 104 12.27 11.13 10.83
CA ASN C 104 12.51 11.72 9.57
C ASN C 104 11.25 12.29 8.97
N ARG C 105 10.15 12.22 9.68
CA ARG C 105 8.87 12.65 9.11
C ARG C 105 8.83 14.10 8.71
N LYS C 106 9.29 15.01 9.59
CA LYS C 106 9.38 16.44 9.24
C LYS C 106 10.26 16.69 8.04
N ALA C 107 11.41 16.03 7.97
CA ALA C 107 12.37 16.27 6.93
C ALA C 107 11.77 15.85 5.54
N VAL C 108 11.03 14.74 5.54
CA VAL C 108 10.39 14.33 4.28
C VAL C 108 9.36 15.35 3.84
N SER C 109 8.50 15.74 4.78
CA SER C 109 7.44 16.68 4.40
C SER C 109 8.02 18.03 3.96
N ASP C 110 9.07 18.53 4.63
CA ASP C 110 9.66 19.83 4.31
C ASP C 110 10.26 19.75 2.91
N GLN C 111 10.92 18.62 2.63
CA GLN C 111 11.53 18.43 1.30
C GLN C 111 10.46 18.40 0.20
N LEU C 112 9.35 17.69 0.40
CA LEU C 112 8.29 17.61 -0.58
C LEU C 112 7.68 19.00 -0.76
N LYS C 113 7.47 19.70 0.35
CA LYS C 113 6.80 21.00 0.28
C LYS C 113 7.64 22.08 -0.40
N LYS C 114 8.96 21.95 -0.34
CA LYS C 114 9.87 22.81 -1.11
C LYS C 114 9.66 22.70 -2.59
N HIS C 115 9.14 21.58 -3.05
CA HIS C 115 8.83 21.34 -4.43
C HIS C 115 7.34 21.36 -4.77
N GLY C 116 6.52 21.77 -3.84
CA GLY C 116 5.06 21.98 -4.08
C GLY C 116 4.27 20.68 -3.96
N PHE C 117 4.88 19.70 -3.27
CA PHE C 117 4.21 18.38 -3.03
C PHE C 117 3.96 18.14 -1.53
N LYS C 118 2.97 17.26 -1.24
CA LYS C 118 2.75 16.73 0.11
C LYS C 118 2.27 15.30 -0.04
N LEU C 119 2.49 14.47 0.97
CA LEU C 119 1.93 13.13 0.88
C LEU C 119 0.45 13.07 1.14
N GLY C 120 -0.18 12.01 0.59
CA GLY C 120 -1.53 11.73 0.89
C GLY C 120 -1.59 10.56 1.85
N PRO C 121 -2.80 10.13 2.17
CA PRO C 121 -2.99 8.96 3.08
C PRO C 121 -2.26 7.71 2.66
N ALA C 122 -1.76 6.97 3.67
CA ALA C 122 -1.11 5.69 3.44
C ALA C 122 -2.15 4.61 3.16
N PRO C 123 -1.80 3.50 2.51
CA PRO C 123 -0.52 3.32 1.83
C PRO C 123 -0.57 3.83 0.41
N GLY D 1 5.46 -8.65 0.02
CA GLY D 1 6.92 -8.33 0.02
C GLY D 1 7.71 -9.60 -0.01
N SER D 2 7.35 -10.57 0.84
CA SER D 2 8.16 -11.78 0.94
C SER D 2 8.47 -12.36 -0.47
N VAL D 3 9.73 -12.70 -0.73
CA VAL D 3 10.01 -13.21 -2.07
C VAL D 3 9.28 -14.56 -2.28
N ASP D 4 8.74 -14.76 -3.48
CA ASP D 4 7.86 -15.93 -3.80
C ASP D 4 6.41 -15.40 -3.81
N SER D 5 6.19 -14.30 -3.11
CA SER D 5 4.84 -13.72 -3.02
C SER D 5 4.72 -12.44 -3.82
N VAL D 6 3.49 -12.08 -4.15
CA VAL D 6 3.22 -10.87 -4.92
C VAL D 6 2.03 -10.14 -4.36
N LEU D 7 1.97 -8.86 -4.61
CA LEU D 7 0.71 -8.08 -4.23
C LEU D 7 -0.41 -8.57 -5.11
N PHE D 8 -1.57 -8.87 -4.54
CA PHE D 8 -2.75 -9.25 -5.29
C PHE D 8 -3.58 -8.03 -5.60
N GLY D 9 -3.68 -7.12 -4.62
CA GLY D 9 -4.67 -6.02 -4.82
C GLY D 9 -5.04 -5.47 -3.49
N SER D 10 -6.10 -4.65 -3.48
CA SER D 10 -6.55 -4.07 -2.21
C SER D 10 -8.05 -4.01 -2.11
N LEU D 11 -8.51 -3.83 -0.88
CA LEU D 11 -9.92 -3.52 -0.67
C LEU D 11 -10.03 -2.38 0.29
N ARG D 12 -11.08 -1.61 0.16
CA ARG D 12 -11.42 -0.58 1.17
C ARG D 12 -12.62 -1.03 1.94
N GLY D 13 -12.68 -0.72 3.21
CA GLY D 13 -13.81 -1.09 4.00
C GLY D 13 -13.82 -0.29 5.27
N HIS D 14 -14.53 -0.78 6.26
CA HIS D 14 -14.64 -0.03 7.56
C HIS D 14 -14.48 -0.96 8.73
N VAL D 15 -13.89 -0.41 9.79
CA VAL D 15 -13.97 -1.02 11.09
C VAL D 15 -15.25 -0.49 11.74
N VAL D 16 -16.03 -1.40 12.26
CA VAL D 16 -17.29 -1.05 12.88
C VAL D 16 -17.31 -1.45 14.32
N GLY D 17 -18.31 -0.98 15.02
CA GLY D 17 -18.47 -1.33 16.39
C GLY D 17 -17.49 -0.64 17.32
N LEU D 18 -17.01 0.56 16.94
CA LEU D 18 -16.00 1.24 17.74
C LEU D 18 -16.57 1.55 19.11
N ARG D 19 -17.87 1.84 19.20
CA ARG D 19 -18.42 2.29 20.50
C ARG D 19 -18.35 1.16 21.60
N TYR D 20 -18.06 -0.10 21.21
CA TYR D 20 -18.05 -1.24 22.10
C TYR D 20 -16.69 -1.58 22.69
N TYR D 21 -15.66 -0.90 22.25
CA TYR D 21 -14.27 -1.26 22.56
C TYR D 21 -13.53 -0.04 22.97
N THR D 22 -12.39 -0.24 23.61
CA THR D 22 -11.68 0.92 24.15
C THR D 22 -10.35 1.14 23.43
N GLY D 23 -9.96 0.29 22.52
CA GLY D 23 -8.68 0.43 21.82
C GLY D 23 -8.65 1.62 20.89
N VAL D 24 -7.54 2.35 20.81
CA VAL D 24 -7.46 3.50 19.91
C VAL D 24 -6.35 3.29 18.85
N VAL D 25 -6.49 4.01 17.76
CA VAL D 25 -5.66 3.92 16.55
C VAL D 25 -5.28 5.36 16.18
N ASN D 26 -4.12 5.54 15.59
CA ASN D 26 -3.70 6.80 14.95
C ASN D 26 -3.78 6.69 13.43
N ASN D 27 -3.95 7.81 12.76
CA ASN D 27 -3.99 7.80 11.30
C ASN D 27 -2.68 7.30 10.77
N ASN D 28 -2.75 6.63 9.64
CA ASN D 28 -1.63 5.98 8.96
C ASN D 28 -1.01 4.78 9.70
N GLU D 29 -1.66 4.28 10.74
CA GLU D 29 -1.16 3.18 11.52
C GLU D 29 -1.68 1.87 10.96
N MET D 30 -0.83 0.85 11.05
CA MET D 30 -1.25 -0.53 10.78
C MET D 30 -2.22 -0.98 11.85
N VAL D 31 -3.16 -1.83 11.48
CA VAL D 31 -4.01 -2.51 12.46
C VAL D 31 -3.84 -3.97 12.22
N ALA D 32 -4.23 -4.81 13.18
CA ALA D 32 -4.10 -6.30 13.07
C ALA D 32 -5.51 -6.86 12.86
N LEU D 33 -5.70 -7.69 11.83
CA LEU D 33 -6.94 -8.43 11.73
C LEU D 33 -6.80 -9.75 12.43
N GLN D 34 -7.79 -10.12 13.22
CA GLN D 34 -7.70 -11.36 14.01
C GLN D 34 -9.03 -12.11 14.00
N ARG D 35 -8.99 -13.30 13.42
CA ARG D 35 -10.20 -14.08 13.38
C ARG D 35 -10.76 -14.38 14.80
N ASP D 36 -12.05 -14.29 14.96
CA ASP D 36 -12.68 -14.72 16.19
C ASP D 36 -13.74 -15.76 15.94
N PRO D 37 -13.32 -16.99 15.74
CA PRO D 37 -14.23 -18.12 15.45
C PRO D 37 -15.13 -18.50 16.62
N ASN D 38 -14.86 -17.96 17.81
CA ASN D 38 -15.70 -18.24 18.95
C ASN D 38 -16.77 -17.18 19.17
N ASN D 39 -16.85 -16.20 18.27
CA ASN D 39 -17.84 -15.13 18.43
C ASN D 39 -19.23 -15.72 18.41
N PRO D 40 -20.02 -15.43 19.45
CA PRO D 40 -21.23 -16.19 19.50
C PRO D 40 -22.30 -15.57 18.58
N TYR D 41 -22.06 -14.43 17.96
CA TYR D 41 -22.99 -13.86 16.99
C TYR D 41 -22.69 -14.15 15.51
N ASP D 42 -21.43 -14.47 15.20
CA ASP D 42 -21.00 -14.57 13.84
C ASP D 42 -19.73 -15.43 13.81
N LYS D 43 -19.85 -16.65 13.28
CA LYS D 43 -18.72 -17.51 13.20
C LYS D 43 -17.61 -16.97 12.32
N ASN D 44 -17.97 -16.04 11.43
CA ASN D 44 -17.00 -15.44 10.52
C ASN D 44 -16.40 -14.14 11.01
N ALA D 45 -16.62 -13.82 12.28
CA ALA D 45 -16.11 -12.60 12.84
C ALA D 45 -14.60 -12.41 12.65
N ILE D 46 -14.24 -11.16 12.33
CA ILE D 46 -12.84 -10.73 12.36
C ILE D 46 -12.65 -9.50 13.18
N LYS D 47 -11.94 -9.64 14.28
CA LYS D 47 -11.63 -8.48 15.10
C LYS D 47 -10.57 -7.60 14.45
N VAL D 48 -10.64 -6.30 14.74
CA VAL D 48 -9.54 -5.37 14.43
C VAL D 48 -8.90 -4.89 15.71
N ASN D 49 -7.58 -5.12 15.81
CA ASN D 49 -6.80 -4.71 16.98
C ASN D 49 -5.78 -3.66 16.59
N ASN D 50 -5.39 -2.84 17.55
CA ASN D 50 -4.37 -1.85 17.22
C ASN D 50 -2.99 -2.52 17.30
N VAL D 51 -1.95 -1.75 17.01
CA VAL D 51 -0.55 -2.33 17.05
C VAL D 51 -0.16 -2.87 18.44
N ASN D 52 -0.71 -2.30 19.51
CA ASN D 52 -0.46 -2.81 20.88
C ASN D 52 -1.27 -4.05 21.22
N GLY D 53 -2.12 -4.54 20.30
CA GLY D 53 -3.02 -5.64 20.58
C GLY D 53 -4.37 -5.38 21.28
N ASN D 54 -4.78 -4.15 21.47
CA ASN D 54 -6.08 -3.88 22.12
C ASN D 54 -7.12 -3.84 20.97
N GLN D 55 -8.29 -4.42 21.23
CA GLN D 55 -9.32 -4.41 20.21
C GLN D 55 -9.93 -3.04 20.02
N VAL D 56 -10.14 -2.73 18.74
CA VAL D 56 -10.74 -1.48 18.26
C VAL D 56 -12.20 -1.64 17.80
N GLY D 57 -12.45 -2.75 17.17
CA GLY D 57 -13.73 -3.05 16.61
C GLY D 57 -13.71 -4.38 15.88
N HIS D 58 -14.56 -4.46 14.87
CA HIS D 58 -14.67 -5.64 13.98
C HIS D 58 -14.72 -5.19 12.53
N LEU D 59 -14.34 -6.07 11.58
CA LEU D 59 -14.72 -5.80 10.22
C LEU D 59 -16.23 -5.90 10.06
N LYS D 60 -16.76 -5.05 9.22
CA LYS D 60 -18.17 -5.11 8.91
C LYS D 60 -18.59 -6.55 8.51
N LYS D 61 -19.80 -6.97 8.85
CA LYS D 61 -20.10 -8.38 8.73
C LYS D 61 -20.04 -8.91 7.30
N GLU D 62 -20.42 -8.09 6.29
CA GLU D 62 -20.38 -8.61 4.89
C GLU D 62 -18.95 -8.86 4.48
N LEU D 63 -18.05 -8.00 4.93
CA LEU D 63 -16.65 -8.15 4.55
C LEU D 63 -16.04 -9.32 5.27
N ALA D 64 -16.37 -9.49 6.58
CA ALA D 64 -15.87 -10.67 7.29
C ALA D 64 -16.39 -11.98 6.69
N GLY D 65 -17.61 -11.89 6.17
CA GLY D 65 -18.27 -13.00 5.56
C GLY D 65 -17.55 -13.54 4.34
N ALA D 66 -16.80 -12.67 3.67
CA ALA D 66 -15.94 -13.08 2.58
C ALA D 66 -14.52 -13.38 3.03
N LEU D 67 -13.96 -12.56 3.93
CA LEU D 67 -12.57 -12.72 4.25
C LEU D 67 -12.22 -13.86 5.21
N ALA D 68 -13.14 -14.26 6.07
CA ALA D 68 -12.86 -15.31 7.05
C ALA D 68 -12.35 -16.58 6.37
N TYR D 69 -12.94 -16.98 5.23
CA TYR D 69 -12.45 -18.17 4.50
C TYR D 69 -11.01 -17.98 3.99
N ILE D 70 -10.70 -16.77 3.53
CA ILE D 70 -9.38 -16.51 3.00
C ILE D 70 -8.35 -16.57 4.14
N MET D 71 -8.71 -16.03 5.30
CA MET D 71 -7.83 -16.08 6.49
C MET D 71 -7.64 -17.49 7.00
N ASP D 72 -8.76 -18.15 7.19
CA ASP D 72 -8.76 -19.59 7.72
C ASP D 72 -7.96 -20.51 6.86
N ASN D 73 -7.99 -20.31 5.55
CA ASN D 73 -7.29 -21.23 4.63
C ASN D 73 -5.97 -20.68 4.11
N LYS D 74 -5.52 -19.61 4.73
CA LYS D 74 -4.25 -18.98 4.46
C LYS D 74 -4.02 -18.68 2.98
N LEU D 75 -5.07 -18.24 2.29
CA LEU D 75 -5.01 -17.99 0.87
C LEU D 75 -4.32 -16.68 0.50
N ALA D 76 -4.31 -15.75 1.44
CA ALA D 76 -3.59 -14.53 1.30
C ALA D 76 -3.26 -13.99 2.67
N GLN D 77 -2.26 -13.14 2.72
CA GLN D 77 -1.99 -12.30 3.85
C GLN D 77 -2.70 -10.97 3.60
N ILE D 78 -3.27 -10.39 4.64
CA ILE D 78 -4.09 -9.19 4.54
C ILE D 78 -3.52 -8.17 5.55
N GLU D 79 -3.01 -7.03 5.08
CA GLU D 79 -2.50 -6.01 5.97
C GLU D 79 -3.47 -4.82 5.98
N GLY D 80 -3.89 -4.34 7.15
CA GLY D 80 -4.83 -3.28 7.25
C GLY D 80 -4.12 -2.01 7.71
N VAL D 81 -4.53 -0.89 7.16
CA VAL D 81 -4.00 0.45 7.53
C VAL D 81 -5.17 1.36 7.67
N VAL D 82 -5.19 2.22 8.71
CA VAL D 82 -6.25 3.15 8.80
C VAL D 82 -5.74 4.48 8.17
N PRO D 83 -6.34 4.93 7.09
CA PRO D 83 -5.73 6.05 6.32
C PRO D 83 -6.08 7.40 6.92
N PHE D 84 -7.18 7.46 7.63
CA PHE D 84 -7.71 8.72 8.21
C PHE D 84 -8.91 8.29 8.99
N GLY D 85 -9.50 9.23 9.70
CA GLY D 85 -10.68 8.91 10.45
C GLY D 85 -10.49 8.11 11.72
N ALA D 86 -9.24 8.03 12.20
CA ALA D 86 -8.92 7.34 13.45
C ALA D 86 -9.72 7.84 14.66
N ASN D 87 -10.20 9.08 14.61
CA ASN D 87 -10.97 9.62 15.72
C ASN D 87 -12.46 9.63 15.50
N ASN D 88 -12.95 8.91 14.49
CA ASN D 88 -14.36 8.84 14.20
C ASN D 88 -15.12 8.19 15.37
N ALA D 89 -16.42 8.47 15.45
CA ALA D 89 -17.20 8.01 16.61
C ALA D 89 -17.66 6.56 16.49
N PHE D 90 -18.14 6.18 15.30
CA PHE D 90 -18.81 4.91 15.10
C PHE D 90 -18.11 3.91 14.19
N THR D 91 -17.49 4.36 13.07
CA THR D 91 -16.81 3.46 12.13
C THR D 91 -15.56 4.19 11.66
N MET D 92 -14.56 3.43 11.21
CA MET D 92 -13.30 3.97 10.86
C MET D 92 -12.93 3.38 9.51
N PRO D 93 -12.44 4.21 8.54
CA PRO D 93 -12.00 3.56 7.29
C PRO D 93 -10.81 2.70 7.46
N LEU D 94 -10.69 1.72 6.55
CA LEU D 94 -9.66 0.75 6.58
C LEU D 94 -9.27 0.43 5.16
N HIS D 95 -7.94 0.36 4.92
CA HIS D 95 -7.44 0.00 3.64
C HIS D 95 -6.76 -1.33 3.87
N MET D 96 -7.07 -2.34 3.04
CA MET D 96 -6.49 -3.64 3.19
C MET D 96 -5.69 -3.99 1.96
N THR D 97 -4.48 -4.42 2.18
CA THR D 97 -3.62 -4.90 1.11
C THR D 97 -3.50 -6.41 1.18
N PHE D 98 -3.65 -7.07 0.03
CA PHE D 98 -3.65 -8.51 -0.07
C PHE D 98 -2.43 -8.94 -0.82
N TRP D 99 -1.72 -9.93 -0.29
CA TRP D 99 -0.61 -10.53 -1.04
C TRP D 99 -0.54 -12.00 -0.80
N GLY D 100 0.18 -12.69 -1.70
CA GLY D 100 0.33 -14.14 -1.50
C GLY D 100 0.95 -14.77 -2.75
N LYS D 101 0.68 -16.08 -2.89
CA LYS D 101 1.21 -16.87 -4.00
C LYS D 101 0.21 -16.96 -5.15
N GLU D 102 0.65 -16.93 -6.40
CA GLU D 102 -0.33 -17.09 -7.57
C GLU D 102 -1.14 -18.34 -7.59
N GLU D 103 -0.61 -19.41 -7.06
CA GLU D 103 -1.37 -20.66 -6.96
C GLU D 103 -2.69 -20.42 -6.18
N ASN D 104 -2.73 -19.32 -5.40
CA ASN D 104 -3.94 -19.01 -4.61
C ASN D 104 -4.76 -17.84 -5.10
N ARG D 105 -4.28 -17.14 -6.08
CA ARG D 105 -4.94 -15.93 -6.51
C ARG D 105 -6.37 -16.17 -7.00
N LYS D 106 -6.56 -17.21 -7.82
CA LYS D 106 -7.90 -17.59 -8.34
C LYS D 106 -8.91 -17.84 -7.21
N ALA D 107 -8.50 -18.61 -6.23
CA ALA D 107 -9.31 -18.94 -5.08
C ALA D 107 -9.69 -17.66 -4.35
N VAL D 108 -8.75 -16.70 -4.22
CA VAL D 108 -9.04 -15.45 -3.51
C VAL D 108 -10.08 -14.67 -4.30
N SER D 109 -9.81 -14.60 -5.61
CA SER D 109 -10.73 -13.89 -6.50
C SER D 109 -12.12 -14.48 -6.55
N ASP D 110 -12.21 -15.78 -6.60
CA ASP D 110 -13.52 -16.45 -6.62
C ASP D 110 -14.27 -16.24 -5.34
N GLN D 111 -13.56 -16.33 -4.20
CA GLN D 111 -14.20 -16.13 -2.92
C GLN D 111 -14.75 -14.71 -2.88
N LEU D 112 -13.96 -13.72 -3.26
CA LEU D 112 -14.41 -12.36 -3.19
C LEU D 112 -15.60 -12.14 -4.12
N LYS D 113 -15.50 -12.62 -5.33
CA LYS D 113 -16.59 -12.47 -6.34
C LYS D 113 -17.86 -13.12 -5.94
N LYS D 114 -17.79 -14.27 -5.29
CA LYS D 114 -18.99 -14.97 -4.81
C LYS D 114 -19.70 -14.23 -3.69
N HIS D 115 -18.99 -13.28 -3.06
CA HIS D 115 -19.53 -12.42 -2.09
C HIS D 115 -19.73 -10.97 -2.51
N GLY D 116 -19.59 -10.72 -3.82
CA GLY D 116 -19.89 -9.39 -4.38
C GLY D 116 -18.75 -8.39 -4.28
N PHE D 117 -17.57 -8.86 -3.90
CA PHE D 117 -16.36 -7.97 -3.78
C PHE D 117 -15.42 -8.15 -4.93
N LYS D 118 -14.53 -7.17 -5.15
CA LYS D 118 -13.51 -7.37 -6.18
C LYS D 118 -12.27 -6.59 -5.77
N LEU D 119 -11.10 -7.18 -5.86
CA LEU D 119 -9.92 -6.39 -5.51
C LEU D 119 -9.68 -5.22 -6.44
N GLY D 120 -9.23 -4.11 -5.86
CA GLY D 120 -8.70 -2.98 -6.62
C GLY D 120 -7.21 -3.18 -6.72
N PRO D 121 -6.54 -2.29 -7.43
CA PRO D 121 -5.08 -2.35 -7.50
C PRO D 121 -4.38 -2.24 -6.18
N ALA D 122 -3.20 -2.81 -6.11
CA ALA D 122 -2.36 -2.70 -4.97
C ALA D 122 -1.68 -1.32 -4.93
N PRO D 123 -1.13 -0.92 -3.79
CA PRO D 123 -1.29 -1.55 -2.49
C PRO D 123 -2.65 -1.13 -1.92
NA NA E . 9.05 1.08 -23.57
NA NA F . 18.48 1.43 -19.73
P PO4 G . 18.19 -2.15 -19.60
O1 PO4 G . 18.14 -1.81 -18.14
O2 PO4 G . 19.60 -2.09 -20.14
O3 PO4 G . 17.64 -3.50 -19.98
O4 PO4 G . 17.38 -1.05 -20.28
P PO4 H . -4.23 4.82 -7.17
O1 PO4 H . -4.71 4.68 -5.72
O2 PO4 H . -2.71 4.87 -7.33
O3 PO4 H . -4.80 3.62 -7.91
O4 PO4 H . -4.75 6.19 -7.60
C ACT I . -18.07 9.03 12.17
O ACT I . -17.59 9.79 13.04
OXT ACT I . -18.09 9.35 10.95
CH3 ACT I . -18.48 7.65 12.55
C ACT J . -9.29 11.92 12.02
O ACT J . -8.49 12.47 12.78
OXT ACT J . -10.17 11.21 12.58
CH3 ACT J . -9.09 12.06 10.52
C ACT K . -18.42 -18.93 3.23
O ACT K . -17.88 -19.71 4.12
OXT ACT K . -19.66 -18.64 3.24
CH3 ACT K . -17.58 -18.37 2.14
C ACT L . -18.26 -0.04 3.59
O ACT L . -17.15 -0.11 4.19
OXT ACT L . -19.31 0.24 4.24
CH3 ACT L . -18.42 -0.34 2.14
#